data_1OK8
#
_entry.id   1OK8
#
_cell.length_a   76.151
_cell.length_b   76.151
_cell.length_c   130.775
_cell.angle_alpha   90.00
_cell.angle_beta   90.00
_cell.angle_gamma   120.00
#
_symmetry.space_group_name_H-M   'P 3 2 1'
#
loop_
_entity.id
_entity.type
_entity.pdbx_description
1 polymer 'MAJOR ENVELOPE PROTEIN E'
2 non-polymer 2-acetamido-2-deoxy-beta-D-glucopyranose
3 non-polymer 'CHLORIDE ION'
4 water water
#
_entity_poly.entity_id   1
_entity_poly.type   'polypeptide(L)'
_entity_poly.pdbx_seq_one_letter_code
;MRCIGISNRDFVEGVSGGSWVDIVLEHGSCVTTMAKNKPTLDFELIKTEAKQPATLRKYCIEAKLTNTTTESRCPTQGEP
TLNEEQDKRFVCKHSMVDRGWGNGCGLFGKGGIVTCAMFTCKKNMEGKIVQPENLEYTVVITPHSGEEHAVGNDTGKHGK
EVKITPQSSITEAELTGYGTVTMECSPRTGLDFNEMVLLQMKDKAWLVHRQWFLDLPLPWLPGADTQGSNWIQKETLVTF
KNPHAKKQDVVVLGSQEGAMHTALTGATEIQMSSGNLLFTGHLKCRLRMDKLQLKGMSYSMCTGKFKVVKEIAETQHGTI
VIRVQYEGDGSPCKIPFEIMDLEKRHVLGRLITVNPIVTEKDSPVNIEAEPPFGDSYIIIGVEPGQLKLNWFKK
;
_entity_poly.pdbx_strand_id   A
#
# COMPACT_ATOMS: atom_id res chain seq x y z
N MET A 1 17.55 -23.84 -15.27
CA MET A 1 16.36 -23.06 -15.73
C MET A 1 15.93 -21.99 -14.75
N ARG A 2 15.13 -21.05 -15.27
CA ARG A 2 14.64 -19.94 -14.45
C ARG A 2 13.17 -19.75 -14.79
N CYS A 3 12.82 -20.10 -16.02
CA CYS A 3 11.48 -19.93 -16.52
C CYS A 3 10.54 -21.15 -16.42
N ILE A 4 9.27 -20.89 -16.09
CA ILE A 4 8.24 -21.91 -15.95
C ILE A 4 7.35 -22.00 -17.19
N GLY A 5 7.21 -23.21 -17.74
CA GLY A 5 6.41 -23.39 -18.93
C GLY A 5 4.92 -23.50 -18.66
N ILE A 6 4.12 -23.07 -19.63
CA ILE A 6 2.68 -23.11 -19.48
C ILE A 6 2.19 -24.55 -19.68
N SER A 7 1.00 -24.83 -19.18
CA SER A 7 0.40 -26.15 -19.31
C SER A 7 -0.31 -26.22 -20.67
N ASN A 8 -0.43 -27.43 -21.21
CA ASN A 8 -1.09 -27.61 -22.49
C ASN A 8 -2.49 -27.01 -22.47
N ARG A 9 -3.15 -27.06 -21.32
CA ARG A 9 -4.50 -26.54 -21.21
C ARG A 9 -4.55 -25.01 -21.13
N ASP A 10 -3.38 -24.38 -21.06
CA ASP A 10 -3.29 -22.93 -20.97
C ASP A 10 -3.35 -22.20 -22.31
N PHE A 11 -3.61 -22.92 -23.39
CA PHE A 11 -3.71 -22.29 -24.69
C PHE A 11 -4.65 -23.04 -25.61
N VAL A 12 -5.19 -22.32 -26.58
CA VAL A 12 -6.09 -22.91 -27.55
C VAL A 12 -5.72 -22.41 -28.94
N GLU A 13 -5.50 -23.35 -29.86
CA GLU A 13 -5.15 -23.02 -31.23
C GLU A 13 -6.43 -23.16 -32.03
N GLY A 14 -6.91 -22.07 -32.63
CA GLY A 14 -8.14 -22.14 -33.39
C GLY A 14 -7.98 -22.84 -34.72
N VAL A 15 -9.07 -23.40 -35.26
CA VAL A 15 -9.03 -24.06 -36.57
C VAL A 15 -8.66 -22.94 -37.52
N SER A 16 -9.26 -21.77 -37.29
CA SER A 16 -9.00 -20.56 -38.05
C SER A 16 -8.91 -19.46 -37.00
N GLY A 17 -8.29 -18.33 -37.34
CA GLY A 17 -8.13 -17.24 -36.40
C GLY A 17 -6.73 -17.28 -35.79
N GLY A 18 -6.64 -17.15 -34.48
CA GLY A 18 -5.33 -17.20 -33.86
C GLY A 18 -5.19 -18.25 -32.78
N SER A 19 -4.20 -18.05 -31.92
CA SER A 19 -3.96 -18.93 -30.78
C SER A 19 -4.05 -18.03 -29.56
N TRP A 20 -4.83 -18.44 -28.56
CA TRP A 20 -4.98 -17.66 -27.34
C TRP A 20 -4.27 -18.36 -26.22
N VAL A 21 -3.57 -17.59 -25.40
CA VAL A 21 -2.79 -18.15 -24.31
C VAL A 21 -3.04 -17.40 -23.02
N ASP A 22 -3.13 -18.13 -21.91
CA ASP A 22 -3.30 -17.50 -20.60
C ASP A 22 -2.01 -17.68 -19.79
N ILE A 23 -1.58 -16.62 -19.12
CA ILE A 23 -0.39 -16.72 -18.30
C ILE A 23 -0.60 -15.88 -17.05
N VAL A 24 0.02 -16.32 -15.97
CA VAL A 24 -0.08 -15.63 -14.70
C VAL A 24 1.33 -15.14 -14.43
N LEU A 25 1.48 -13.84 -14.17
CA LEU A 25 2.80 -13.29 -13.93
C LEU A 25 2.97 -12.76 -12.52
N GLU A 26 3.73 -13.48 -11.70
CA GLU A 26 3.98 -12.99 -10.36
C GLU A 26 5.44 -12.59 -10.18
N HIS A 27 5.67 -11.63 -9.30
CA HIS A 27 7.01 -11.14 -9.06
C HIS A 27 7.94 -12.29 -8.65
N GLY A 28 9.13 -12.32 -9.24
CA GLY A 28 10.08 -13.35 -8.93
C GLY A 28 10.03 -14.53 -9.90
N SER A 29 8.96 -14.61 -10.68
CA SER A 29 8.79 -15.70 -11.62
C SER A 29 8.95 -15.31 -13.09
N CYS A 30 9.12 -16.35 -13.90
CA CYS A 30 9.39 -16.28 -15.33
C CYS A 30 8.49 -17.30 -16.05
N VAL A 31 7.66 -16.86 -17.00
CA VAL A 31 6.80 -17.80 -17.74
C VAL A 31 7.22 -17.87 -19.21
N THR A 32 7.38 -19.08 -19.72
CA THR A 32 7.82 -19.25 -21.09
C THR A 32 6.90 -20.10 -21.93
N THR A 33 6.90 -19.78 -23.20
CA THR A 33 6.09 -20.47 -24.19
C THR A 33 6.90 -20.54 -25.46
N MET A 34 6.61 -21.54 -26.29
CA MET A 34 7.31 -21.66 -27.55
C MET A 34 6.42 -22.26 -28.61
N ALA A 35 6.47 -21.68 -29.80
CA ALA A 35 5.67 -22.15 -30.91
C ALA A 35 6.57 -23.04 -31.74
N LYS A 36 5.97 -23.77 -32.66
CA LYS A 36 6.74 -24.68 -33.49
C LYS A 36 7.60 -23.91 -34.49
N ASN A 37 8.91 -24.16 -34.46
CA ASN A 37 9.86 -23.49 -35.36
C ASN A 37 9.97 -22.00 -35.09
N LYS A 38 9.52 -21.56 -33.93
CA LYS A 38 9.60 -20.15 -33.60
C LYS A 38 10.48 -19.91 -32.38
N PRO A 39 10.95 -18.67 -32.21
CA PRO A 39 11.80 -18.36 -31.05
C PRO A 39 11.02 -18.59 -29.77
N THR A 40 11.71 -19.01 -28.72
CA THR A 40 11.08 -19.23 -27.43
C THR A 40 10.84 -17.86 -26.80
N LEU A 41 9.75 -17.71 -26.07
CA LEU A 41 9.44 -16.43 -25.44
C LEU A 41 9.34 -16.53 -23.93
N ASP A 42 9.87 -15.52 -23.24
CA ASP A 42 9.82 -15.45 -21.80
C ASP A 42 8.98 -14.22 -21.44
N PHE A 43 8.23 -14.33 -20.35
CA PHE A 43 7.38 -13.24 -19.88
C PHE A 43 7.66 -13.03 -18.40
N GLU A 44 7.85 -11.78 -18.00
CA GLU A 44 8.12 -11.49 -16.61
C GLU A 44 7.67 -10.12 -16.15
N LEU A 45 6.92 -10.09 -15.04
CA LEU A 45 6.47 -8.82 -14.47
C LEU A 45 7.66 -8.34 -13.63
N ILE A 46 8.20 -7.18 -14.01
CA ILE A 46 9.37 -6.58 -13.36
C ILE A 46 9.08 -5.66 -12.18
N LYS A 47 7.96 -4.96 -12.23
CA LYS A 47 7.61 -4.10 -11.12
C LYS A 47 6.21 -3.54 -11.23
N THR A 48 5.69 -3.15 -10.07
CA THR A 48 4.36 -2.59 -9.94
C THR A 48 4.62 -1.33 -9.14
N GLU A 49 4.22 -0.21 -9.70
CA GLU A 49 4.48 1.06 -9.03
C GLU A 49 3.33 2.03 -9.12
N ALA A 50 3.19 2.88 -8.11
CA ALA A 50 2.16 3.91 -8.11
C ALA A 50 2.96 5.20 -8.26
N LYS A 51 2.69 5.96 -9.31
CA LYS A 51 3.42 7.21 -9.52
C LYS A 51 2.61 8.45 -9.22
N GLN A 52 3.23 9.37 -8.49
CA GLN A 52 2.62 10.64 -8.15
C GLN A 52 1.18 10.59 -7.64
N PRO A 53 0.92 9.85 -6.55
CA PRO A 53 -0.43 9.75 -5.98
C PRO A 53 -0.85 11.12 -5.48
N ALA A 54 -2.09 11.51 -5.72
CA ALA A 54 -2.57 12.80 -5.26
C ALA A 54 -2.82 12.80 -3.74
N THR A 55 -2.77 13.98 -3.13
CA THR A 55 -2.98 14.13 -1.71
C THR A 55 -4.47 14.19 -1.34
N LEU A 56 -4.86 13.40 -0.35
CA LEU A 56 -6.25 13.35 0.10
C LEU A 56 -6.44 14.42 1.20
N ARG A 57 -5.46 14.49 2.09
CA ARG A 57 -5.49 15.44 3.20
C ARG A 57 -4.10 15.62 3.79
N LYS A 58 -3.87 16.78 4.37
CA LYS A 58 -2.59 17.09 4.98
C LYS A 58 -2.82 17.36 6.46
N TYR A 59 -2.02 16.72 7.30
CA TYR A 59 -2.14 16.89 8.75
C TYR A 59 -0.88 17.56 9.30
N CYS A 60 -1.07 18.49 10.24
CA CYS A 60 0.08 19.14 10.86
C CYS A 60 0.44 18.36 12.13
N ILE A 61 1.68 17.92 12.25
CA ILE A 61 2.09 17.15 13.44
C ILE A 61 2.93 17.95 14.42
N GLU A 62 3.41 19.11 13.98
CA GLU A 62 4.18 20.01 14.85
C GLU A 62 3.88 21.44 14.45
N ALA A 63 3.35 22.20 15.39
CA ALA A 63 3.01 23.59 15.15
C ALA A 63 3.66 24.46 16.22
N LYS A 64 3.96 25.70 15.86
CA LYS A 64 4.55 26.66 16.77
C LYS A 64 3.63 27.85 16.87
N LEU A 65 3.56 28.44 18.06
CA LEU A 65 2.71 29.59 18.30
C LEU A 65 3.54 30.86 18.48
N THR A 66 3.10 31.94 17.86
CA THR A 66 3.78 33.23 17.99
C THR A 66 2.74 34.34 17.97
N ASN A 67 3.18 35.59 18.17
CA ASN A 67 2.28 36.75 18.13
C ASN A 67 1.01 36.59 18.98
N THR A 68 1.15 36.19 20.23
CA THR A 68 -0.04 36.05 21.07
C THR A 68 -0.55 37.46 21.41
N THR A 69 -1.85 37.68 21.21
CA THR A 69 -2.44 38.98 21.49
C THR A 69 -3.79 38.81 22.17
N THR A 70 -4.09 39.71 23.11
CA THR A 70 -5.33 39.64 23.86
C THR A 70 -6.03 40.97 24.07
N GLU A 71 -7.35 40.98 23.96
CA GLU A 71 -8.14 42.18 24.21
C GLU A 71 -9.07 41.83 25.36
N SER A 72 -9.00 42.59 26.45
CA SER A 72 -9.82 42.32 27.63
C SER A 72 -10.66 43.55 27.97
N ARG A 73 -11.93 43.33 28.33
CA ARG A 73 -12.83 44.44 28.67
C ARG A 73 -13.30 44.36 30.11
N CYS A 74 -13.74 45.51 30.63
CA CYS A 74 -14.25 45.56 31.98
C CYS A 74 -15.76 45.31 31.94
N PRO A 75 -16.38 45.11 33.11
CA PRO A 75 -17.83 44.89 33.07
C PRO A 75 -18.41 46.17 32.41
N THR A 76 -19.59 46.05 31.80
CA THR A 76 -20.28 47.16 31.12
C THR A 76 -19.60 47.62 29.82
N GLN A 77 -18.44 47.05 29.49
CA GLN A 77 -17.74 47.47 28.27
C GLN A 77 -17.97 46.56 27.07
N GLY A 78 -18.80 45.54 27.26
CA GLY A 78 -19.11 44.66 26.14
C GLY A 78 -18.06 43.68 25.68
N GLU A 79 -18.24 43.20 24.46
CA GLU A 79 -17.37 42.21 23.84
C GLU A 79 -16.05 42.72 23.27
N PRO A 80 -14.94 42.02 23.54
CA PRO A 80 -13.65 42.45 23.01
C PRO A 80 -13.55 41.97 21.58
N THR A 81 -12.56 42.45 20.84
CA THR A 81 -12.41 42.04 19.47
C THR A 81 -10.96 42.17 18.99
N LEU A 82 -10.61 41.35 18.01
CA LEU A 82 -9.26 41.37 17.44
C LEU A 82 -9.36 41.15 15.93
N ASN A 83 -8.62 41.93 15.16
CA ASN A 83 -8.62 41.80 13.71
C ASN A 83 -8.18 40.40 13.32
N GLU A 84 -7.26 39.84 14.10
CA GLU A 84 -6.72 38.50 13.84
C GLU A 84 -7.79 37.41 13.82
N GLU A 85 -8.92 37.67 14.45
CA GLU A 85 -10.02 36.69 14.46
C GLU A 85 -10.43 36.37 13.03
N GLN A 86 -10.13 37.29 12.11
CA GLN A 86 -10.47 37.11 10.70
C GLN A 86 -9.33 36.51 9.88
N ASP A 87 -8.16 36.39 10.51
CA ASP A 87 -6.99 35.83 9.85
C ASP A 87 -6.94 34.33 10.14
N LYS A 88 -7.20 33.52 9.11
CA LYS A 88 -7.20 32.07 9.28
C LYS A 88 -5.89 31.45 9.76
N ARG A 89 -4.83 32.25 9.81
CA ARG A 89 -3.55 31.75 10.28
C ARG A 89 -3.53 31.75 11.81
N PHE A 90 -4.50 32.43 12.41
CA PHE A 90 -4.58 32.54 13.87
C PHE A 90 -5.62 31.66 14.54
N VAL A 91 -5.27 31.15 15.72
CA VAL A 91 -6.20 30.36 16.52
C VAL A 91 -6.65 31.36 17.58
N CYS A 92 -7.96 31.47 17.80
CA CYS A 92 -8.49 32.42 18.77
C CYS A 92 -9.53 31.81 19.70
N LYS A 93 -9.72 32.43 20.85
CA LYS A 93 -10.70 31.95 21.80
C LYS A 93 -11.30 33.10 22.60
N HIS A 94 -12.62 33.06 22.77
CA HIS A 94 -13.36 34.07 23.53
C HIS A 94 -13.73 33.43 24.87
N SER A 95 -13.75 34.23 25.92
CA SER A 95 -14.15 33.73 27.24
C SER A 95 -14.40 34.88 28.17
N MET A 96 -14.69 34.57 29.42
CA MET A 96 -14.94 35.58 30.43
C MET A 96 -13.80 35.52 31.46
N VAL A 97 -13.50 36.65 32.09
CA VAL A 97 -12.46 36.68 33.08
C VAL A 97 -12.84 37.67 34.16
N ASP A 98 -12.42 37.41 35.40
CA ASP A 98 -12.73 38.32 36.50
C ASP A 98 -11.95 39.62 36.35
N ARG A 99 -12.64 40.74 36.54
CA ARG A 99 -12.00 42.06 36.47
C ARG A 99 -12.31 42.78 37.77
N GLY A 100 -11.48 43.77 38.13
CA GLY A 100 -11.71 44.51 39.36
C GLY A 100 -10.70 45.62 39.56
N TRP A 101 -10.70 46.20 40.76
CA TRP A 101 -9.79 47.30 41.08
C TRP A 101 -8.33 46.94 40.90
N GLY A 102 -8.02 45.65 41.02
CA GLY A 102 -6.64 45.23 40.88
C GLY A 102 -6.13 45.30 39.45
N ASN A 103 -7.05 45.31 38.49
CA ASN A 103 -6.63 45.37 37.10
C ASN A 103 -7.23 46.53 36.29
N GLY A 104 -7.35 47.68 36.94
CA GLY A 104 -7.81 48.88 36.28
C GLY A 104 -9.29 49.14 36.03
N CYS A 105 -10.19 48.25 36.49
CA CYS A 105 -11.62 48.48 36.26
C CYS A 105 -12.25 49.04 37.53
N GLY A 106 -13.33 49.80 37.39
CA GLY A 106 -13.98 50.38 38.56
C GLY A 106 -15.02 49.47 39.19
N LEU A 107 -15.37 48.40 38.47
CA LEU A 107 -16.36 47.45 38.96
C LEU A 107 -15.80 46.04 38.97
N PHE A 108 -16.27 45.22 39.90
CA PHE A 108 -15.85 43.83 40.02
C PHE A 108 -16.88 42.97 39.31
N GLY A 109 -16.44 42.13 38.39
CA GLY A 109 -17.37 41.28 37.67
C GLY A 109 -16.67 40.58 36.52
N LYS A 110 -17.44 39.84 35.72
CA LYS A 110 -16.89 39.15 34.57
C LYS A 110 -16.81 40.11 33.39
N GLY A 111 -15.69 40.10 32.69
CA GLY A 111 -15.49 40.94 31.52
C GLY A 111 -15.16 40.00 30.37
N GLY A 112 -15.55 40.35 29.16
CA GLY A 112 -15.24 39.48 28.03
C GLY A 112 -13.77 39.58 27.69
N ILE A 113 -13.17 38.51 27.17
CA ILE A 113 -11.76 38.54 26.78
C ILE A 113 -11.59 37.66 25.57
N VAL A 114 -10.66 38.05 24.69
CA VAL A 114 -10.40 37.27 23.50
C VAL A 114 -8.89 37.24 23.29
N THR A 115 -8.38 36.08 22.90
CA THR A 115 -6.96 35.90 22.68
C THR A 115 -6.75 35.15 21.38
N CYS A 116 -5.78 35.59 20.61
CA CYS A 116 -5.44 34.95 19.34
C CYS A 116 -3.92 34.74 19.31
N ALA A 117 -3.48 33.67 18.65
CA ALA A 117 -2.06 33.38 18.53
C ALA A 117 -1.82 32.81 17.15
N MET A 118 -0.72 33.21 16.53
CA MET A 118 -0.41 32.73 15.20
C MET A 118 0.06 31.28 15.22
N PHE A 119 -0.66 30.44 14.48
CA PHE A 119 -0.39 29.02 14.37
C PHE A 119 0.42 28.76 13.09
N THR A 120 1.61 28.19 13.24
CA THR A 120 2.49 27.91 12.10
C THR A 120 2.89 26.44 12.09
N CYS A 121 2.52 25.71 11.04
CA CYS A 121 2.91 24.31 11.00
C CYS A 121 4.39 24.22 10.71
N LYS A 122 5.08 23.35 11.45
CA LYS A 122 6.52 23.20 11.26
C LYS A 122 6.83 21.86 10.59
N LYS A 123 5.95 20.90 10.79
CA LYS A 123 6.11 19.57 10.21
C LYS A 123 4.73 18.98 9.94
N ASN A 124 4.55 18.41 8.76
CA ASN A 124 3.26 17.83 8.43
C ASN A 124 3.45 16.43 7.85
N MET A 125 2.33 15.76 7.61
CA MET A 125 2.36 14.45 6.99
C MET A 125 1.10 14.42 6.15
N GLU A 126 1.07 13.58 5.13
CA GLU A 126 -0.13 13.57 4.31
C GLU A 126 -0.58 12.21 3.82
N GLY A 127 -1.88 12.09 3.62
CA GLY A 127 -2.45 10.86 3.14
C GLY A 127 -2.64 11.03 1.65
N LYS A 128 -2.25 10.01 0.88
CA LYS A 128 -2.37 10.06 -0.55
C LYS A 128 -3.18 8.87 -1.02
N ILE A 129 -3.93 9.07 -2.10
CA ILE A 129 -4.74 7.99 -2.65
C ILE A 129 -4.16 7.53 -3.98
N VAL A 130 -4.24 6.23 -4.23
CA VAL A 130 -3.74 5.68 -5.49
C VAL A 130 -4.98 5.50 -6.38
N GLN A 131 -5.02 6.26 -7.48
CA GLN A 131 -6.13 6.19 -8.42
C GLN A 131 -5.66 5.37 -9.61
N PRO A 132 -6.59 4.93 -10.47
CA PRO A 132 -6.19 4.11 -11.63
C PRO A 132 -5.06 4.71 -12.47
N GLU A 133 -5.05 6.04 -12.59
CA GLU A 133 -4.03 6.73 -13.39
C GLU A 133 -2.62 6.62 -12.82
N ASN A 134 -2.52 6.32 -11.53
CA ASN A 134 -1.21 6.22 -10.86
C ASN A 134 -0.52 4.85 -10.93
N LEU A 135 -1.29 3.80 -11.18
CA LEU A 135 -0.73 2.45 -11.23
C LEU A 135 -0.10 2.04 -12.54
N GLU A 136 1.11 1.49 -12.47
CA GLU A 136 1.81 1.04 -13.66
C GLU A 136 2.56 -0.27 -13.43
N TYR A 137 2.36 -1.22 -14.33
CA TYR A 137 3.06 -2.50 -14.25
C TYR A 137 4.04 -2.53 -15.42
N THR A 138 5.20 -3.13 -15.20
CA THR A 138 6.22 -3.24 -16.24
C THR A 138 6.50 -4.70 -16.49
N VAL A 139 6.23 -5.14 -17.72
CA VAL A 139 6.43 -6.52 -18.13
C VAL A 139 7.48 -6.57 -19.23
N VAL A 140 8.42 -7.49 -19.11
CA VAL A 140 9.48 -7.66 -20.10
C VAL A 140 9.22 -8.95 -20.89
N ILE A 141 9.22 -8.85 -22.21
CA ILE A 141 9.00 -10.03 -23.04
C ILE A 141 10.33 -10.29 -23.74
N THR A 142 10.89 -11.48 -23.54
CA THR A 142 12.18 -11.81 -24.12
C THR A 142 12.22 -13.01 -25.08
N PRO A 143 12.49 -12.76 -26.37
CA PRO A 143 12.55 -13.85 -27.33
C PRO A 143 13.97 -14.42 -27.29
N HIS A 144 14.13 -15.71 -27.60
CA HIS A 144 15.46 -16.33 -27.62
C HIS A 144 15.39 -17.78 -28.07
N GLY A 159 14.94 -8.02 -23.05
CA GLY A 159 13.96 -8.03 -24.13
C GLY A 159 13.08 -6.78 -24.15
N LYS A 160 11.93 -6.89 -24.80
CA LYS A 160 10.99 -5.78 -24.91
C LYS A 160 10.24 -5.47 -23.62
N GLU A 161 10.31 -4.21 -23.21
CA GLU A 161 9.64 -3.76 -21.99
C GLU A 161 8.32 -3.09 -22.32
N VAL A 162 7.22 -3.60 -21.76
CA VAL A 162 5.90 -3.03 -21.99
C VAL A 162 5.27 -2.51 -20.71
N LYS A 163 4.48 -1.45 -20.83
CA LYS A 163 3.82 -0.86 -19.68
C LYS A 163 2.35 -1.25 -19.72
N ILE A 164 1.81 -1.54 -18.54
CA ILE A 164 0.42 -1.92 -18.42
C ILE A 164 -0.17 -1.08 -17.29
N THR A 165 -1.38 -0.58 -17.51
CA THR A 165 -2.06 0.23 -16.53
C THR A 165 -3.52 -0.22 -16.48
N PRO A 166 -4.26 0.17 -15.43
CA PRO A 166 -5.66 -0.21 -15.31
C PRO A 166 -6.49 0.27 -16.50
N GLN A 167 -6.16 1.46 -17.02
CA GLN A 167 -6.87 2.05 -18.15
C GLN A 167 -6.40 1.54 -19.50
N SER A 168 -5.12 1.18 -19.59
CA SER A 168 -4.54 0.71 -20.84
C SER A 168 -3.99 -0.68 -20.63
N SER A 169 -4.89 -1.66 -20.62
CA SER A 169 -4.52 -3.05 -20.37
C SER A 169 -4.14 -3.85 -21.60
N ILE A 170 -4.29 -3.26 -22.78
CA ILE A 170 -3.97 -3.99 -24.00
C ILE A 170 -2.82 -3.38 -24.76
N THR A 171 -1.90 -4.23 -25.21
CA THR A 171 -0.74 -3.78 -25.98
C THR A 171 -0.35 -4.78 -27.06
N GLU A 172 -0.09 -4.27 -28.27
CA GLU A 172 0.34 -5.12 -29.38
C GLU A 172 1.85 -4.97 -29.50
N ALA A 173 2.57 -6.08 -29.49
CA ALA A 173 4.03 -6.01 -29.61
C ALA A 173 4.53 -6.94 -30.72
N GLU A 174 5.44 -6.43 -31.52
CA GLU A 174 6.00 -7.23 -32.60
C GLU A 174 7.18 -8.03 -32.07
N LEU A 175 7.10 -9.34 -32.20
CA LEU A 175 8.15 -10.21 -31.74
C LEU A 175 8.64 -11.06 -32.91
N THR A 176 9.92 -10.93 -33.23
CA THR A 176 10.51 -11.67 -34.35
C THR A 176 10.13 -13.13 -34.28
N GLY A 177 9.71 -13.69 -35.41
CA GLY A 177 9.32 -15.09 -35.44
C GLY A 177 7.81 -15.21 -35.28
N TYR A 178 7.23 -14.36 -34.45
CA TYR A 178 5.79 -14.37 -34.23
C TYR A 178 5.11 -13.20 -34.90
N GLY A 179 5.83 -12.11 -35.07
CA GLY A 179 5.25 -10.93 -35.66
C GLY A 179 4.47 -10.21 -34.57
N THR A 180 3.25 -9.76 -34.87
CA THR A 180 2.47 -9.06 -33.88
C THR A 180 1.75 -10.02 -32.93
N VAL A 181 1.86 -9.72 -31.64
CA VAL A 181 1.20 -10.53 -30.63
C VAL A 181 0.52 -9.56 -29.65
N THR A 182 -0.75 -9.80 -29.38
CA THR A 182 -1.48 -8.93 -28.48
C THR A 182 -1.40 -9.44 -27.04
N MET A 183 -1.12 -8.52 -26.13
CA MET A 183 -1.05 -8.86 -24.73
C MET A 183 -2.02 -7.99 -23.94
N GLU A 184 -2.93 -8.65 -23.25
CA GLU A 184 -3.94 -7.97 -22.44
C GLU A 184 -3.79 -8.46 -21.00
N CYS A 185 -3.40 -7.56 -20.09
CA CYS A 185 -3.21 -7.94 -18.69
C CYS A 185 -4.04 -7.11 -17.71
N SER A 186 -4.41 -7.74 -16.61
CA SER A 186 -5.20 -7.06 -15.58
C SER A 186 -4.70 -7.48 -14.21
N PRO A 187 -4.83 -6.61 -13.20
CA PRO A 187 -4.40 -6.85 -11.83
C PRO A 187 -5.04 -8.11 -11.27
N ARG A 188 -4.28 -8.90 -10.52
CA ARG A 188 -4.82 -10.15 -9.97
C ARG A 188 -4.85 -10.30 -8.45
N THR A 189 -3.86 -9.78 -7.74
CA THR A 189 -3.83 -9.91 -6.28
C THR A 189 -3.26 -8.66 -5.61
N GLY A 190 -4.00 -7.56 -5.68
CA GLY A 190 -3.54 -6.31 -5.10
C GLY A 190 -4.35 -5.77 -3.95
N LEU A 191 -4.32 -4.44 -3.81
CA LEU A 191 -5.01 -3.73 -2.77
C LEU A 191 -6.27 -3.00 -3.22
N ASP A 192 -7.14 -2.69 -2.26
CA ASP A 192 -8.35 -1.95 -2.53
C ASP A 192 -7.98 -0.51 -2.21
N PHE A 193 -7.58 0.25 -3.23
CA PHE A 193 -7.19 1.63 -3.01
C PHE A 193 -8.30 2.61 -2.68
N ASN A 194 -9.52 2.10 -2.51
CA ASN A 194 -10.64 2.95 -2.11
C ASN A 194 -10.69 2.88 -0.59
N GLU A 195 -10.24 1.74 -0.03
CA GLU A 195 -10.24 1.52 1.41
C GLU A 195 -8.89 1.85 2.05
N MET A 196 -7.80 1.47 1.38
CA MET A 196 -6.47 1.71 1.90
C MET A 196 -5.85 2.99 1.34
N VAL A 197 -5.33 3.79 2.24
CA VAL A 197 -4.70 5.07 1.93
C VAL A 197 -3.21 5.06 2.29
N LEU A 198 -2.40 5.80 1.56
CA LEU A 198 -0.96 5.85 1.86
C LEU A 198 -0.62 7.03 2.76
N LEU A 199 -0.15 6.73 3.96
CA LEU A 199 0.22 7.78 4.91
C LEU A 199 1.72 8.00 4.78
N GLN A 200 2.10 9.24 4.50
CA GLN A 200 3.49 9.59 4.32
C GLN A 200 4.00 10.59 5.33
N MET A 201 5.11 10.23 5.98
CA MET A 201 5.77 11.10 6.94
C MET A 201 7.23 11.17 6.49
N LYS A 202 7.62 12.31 5.95
CA LYS A 202 8.98 12.49 5.48
C LYS A 202 9.34 11.42 4.45
N ASP A 203 10.41 10.68 4.73
CA ASP A 203 10.88 9.65 3.81
C ASP A 203 10.24 8.28 3.96
N LYS A 204 9.28 8.14 4.87
CA LYS A 204 8.61 6.85 5.08
C LYS A 204 7.15 6.83 4.66
N ALA A 205 6.59 5.63 4.50
CA ALA A 205 5.19 5.48 4.09
C ALA A 205 4.55 4.21 4.68
N TRP A 206 3.24 4.28 4.89
CA TRP A 206 2.48 3.16 5.44
C TRP A 206 1.10 3.08 4.77
N LEU A 207 0.58 1.87 4.66
CA LEU A 207 -0.76 1.67 4.12
C LEU A 207 -1.66 1.66 5.33
N VAL A 208 -2.68 2.50 5.32
CA VAL A 208 -3.61 2.59 6.44
C VAL A 208 -5.05 2.68 5.95
N HIS A 209 -5.99 2.38 6.84
CA HIS A 209 -7.40 2.45 6.48
C HIS A 209 -7.82 3.91 6.35
N ARG A 210 -8.60 4.20 5.33
CA ARG A 210 -9.08 5.54 5.05
C ARG A 210 -9.77 6.25 6.22
N GLN A 211 -10.72 5.56 6.87
CA GLN A 211 -11.43 6.19 7.97
C GLN A 211 -10.56 6.51 9.16
N TRP A 212 -9.68 5.57 9.53
CA TRP A 212 -8.75 5.79 10.62
C TRP A 212 -7.99 7.09 10.32
N PHE A 213 -7.48 7.18 9.09
CA PHE A 213 -6.74 8.37 8.67
C PHE A 213 -7.57 9.65 8.77
N LEU A 214 -8.79 9.60 8.25
CA LEU A 214 -9.68 10.74 8.26
C LEU A 214 -10.15 11.19 9.65
N ASP A 215 -10.01 10.32 10.64
CA ASP A 215 -10.44 10.66 11.99
C ASP A 215 -9.29 11.07 12.93
N LEU A 216 -8.06 11.07 12.43
CA LEU A 216 -6.92 11.46 13.26
C LEU A 216 -7.21 12.84 13.87
N PRO A 217 -7.01 12.98 15.19
CA PRO A 217 -7.23 14.24 15.92
C PRO A 217 -6.11 15.26 15.76
N LEU A 218 -5.94 15.76 14.54
CA LEU A 218 -4.89 16.72 14.21
C LEU A 218 -5.40 17.82 13.28
N PRO A 219 -4.72 18.97 13.28
CA PRO A 219 -5.15 20.07 12.40
C PRO A 219 -4.91 19.60 10.96
N TRP A 220 -5.76 20.03 10.02
CA TRP A 220 -5.59 19.58 8.65
C TRP A 220 -5.98 20.59 7.57
N LEU A 221 -5.57 20.27 6.35
CA LEU A 221 -5.86 21.10 5.19
C LEU A 221 -6.28 20.13 4.09
N PRO A 222 -7.18 20.57 3.20
CA PRO A 222 -7.65 19.73 2.10
C PRO A 222 -6.51 19.31 1.20
N GLY A 223 -6.70 18.23 0.46
CA GLY A 223 -5.66 17.71 -0.41
C GLY A 223 -5.11 18.64 -1.47
N ALA A 224 -5.99 19.41 -2.11
CA ALA A 224 -5.56 20.33 -3.16
C ALA A 224 -4.99 21.64 -2.62
N ASP A 225 -4.92 21.76 -1.30
CA ASP A 225 -4.38 22.96 -0.68
C ASP A 225 -2.91 23.15 -1.06
N THR A 226 -2.55 24.37 -1.44
CA THR A 226 -1.19 24.68 -1.81
C THR A 226 -0.49 25.62 -0.81
N GLN A 227 -1.26 26.54 -0.23
CA GLN A 227 -0.71 27.50 0.72
C GLN A 227 -0.20 26.87 2.02
N GLY A 228 -0.97 25.93 2.56
CA GLY A 228 -0.56 25.26 3.78
C GLY A 228 -0.49 26.14 5.03
N SER A 229 -1.42 27.08 5.17
CA SER A 229 -1.43 27.98 6.31
C SER A 229 -2.73 28.10 7.09
N ASN A 230 -3.86 27.84 6.43
CA ASN A 230 -5.17 27.98 7.07
C ASN A 230 -5.74 26.70 7.65
N TRP A 231 -4.94 26.07 8.51
CA TRP A 231 -5.29 24.82 9.16
C TRP A 231 -6.64 24.75 9.86
N ILE A 232 -7.32 23.63 9.65
CA ILE A 232 -8.62 23.39 10.26
C ILE A 232 -8.43 22.62 11.57
N GLN A 233 -9.21 22.97 12.59
CA GLN A 233 -9.12 22.30 13.87
C GLN A 233 -7.76 22.46 14.54
N LYS A 234 -7.27 23.70 14.62
CA LYS A 234 -5.98 23.97 15.25
C LYS A 234 -6.03 23.59 16.73
N GLU A 235 -7.22 23.70 17.33
CA GLU A 235 -7.35 23.40 18.75
C GLU A 235 -7.03 21.97 19.15
N THR A 236 -6.78 21.09 18.18
CA THR A 236 -6.42 19.71 18.50
C THR A 236 -5.01 19.72 19.11
N LEU A 237 -4.23 20.74 18.77
CA LEU A 237 -2.86 20.88 19.27
C LEU A 237 -2.70 22.05 20.24
N VAL A 238 -3.67 22.97 20.21
CA VAL A 238 -3.61 24.15 21.04
C VAL A 238 -4.50 24.19 22.28
N THR A 239 -3.97 24.71 23.37
CA THR A 239 -4.72 24.83 24.61
C THR A 239 -4.53 26.22 25.19
N PHE A 240 -5.66 26.88 25.48
CA PHE A 240 -5.62 28.22 26.07
C PHE A 240 -5.65 28.06 27.57
N LYS A 241 -4.68 28.66 28.26
CA LYS A 241 -4.63 28.58 29.72
C LYS A 241 -5.71 29.51 30.26
N ASN A 242 -5.97 29.41 31.57
CA ASN A 242 -6.98 30.25 32.19
C ASN A 242 -6.55 31.69 32.06
N PRO A 243 -7.47 32.53 31.60
CA PRO A 243 -7.24 33.96 31.39
C PRO A 243 -6.90 34.65 32.69
N HIS A 244 -6.00 35.63 32.60
CA HIS A 244 -5.63 36.45 33.74
C HIS A 244 -6.40 37.75 33.39
N ALA A 245 -6.32 38.77 34.23
CA ALA A 245 -7.06 39.99 33.96
C ALA A 245 -6.98 40.60 32.55
N LYS A 246 -5.77 40.83 32.05
CA LYS A 246 -5.61 41.43 30.73
C LYS A 246 -4.70 40.64 29.79
N LYS A 247 -4.33 39.43 30.20
CA LYS A 247 -3.49 38.57 29.40
C LYS A 247 -3.88 37.11 29.54
N GLN A 248 -3.43 36.30 28.60
CA GLN A 248 -3.75 34.89 28.61
C GLN A 248 -2.71 34.16 27.76
N ASP A 249 -2.20 33.06 28.28
CA ASP A 249 -1.20 32.29 27.55
C ASP A 249 -1.82 31.17 26.73
N VAL A 250 -1.19 30.84 25.63
CA VAL A 250 -1.65 29.78 24.74
C VAL A 250 -0.47 28.83 24.58
N VAL A 251 -0.71 27.54 24.80
CA VAL A 251 0.34 26.54 24.69
C VAL A 251 -0.03 25.49 23.64
N VAL A 252 0.98 24.84 23.06
CA VAL A 252 0.79 23.80 22.06
C VAL A 252 1.50 22.50 22.39
N LEU A 253 0.91 21.41 21.92
CA LEU A 253 1.51 20.10 22.11
C LEU A 253 2.80 20.13 21.32
N GLY A 254 3.70 19.19 21.62
CA GLY A 254 4.96 19.13 20.90
C GLY A 254 4.73 18.29 19.65
N SER A 255 5.79 18.06 18.88
CA SER A 255 5.71 17.27 17.66
C SER A 255 5.03 15.92 17.94
N GLN A 256 4.04 15.58 17.13
CA GLN A 256 3.31 14.32 17.26
C GLN A 256 3.92 13.19 16.43
N GLU A 257 5.17 13.37 16.02
CA GLU A 257 5.85 12.36 15.21
C GLU A 257 5.91 11.03 15.96
N GLY A 258 6.36 11.07 17.22
CA GLY A 258 6.45 9.86 18.01
C GLY A 258 5.11 9.18 18.23
N ALA A 259 4.09 9.96 18.59
CA ALA A 259 2.76 9.42 18.81
C ALA A 259 2.24 8.73 17.55
N MET A 260 2.54 9.29 16.39
CA MET A 260 2.09 8.69 15.14
C MET A 260 2.77 7.33 14.96
N HIS A 261 4.07 7.27 15.22
CA HIS A 261 4.79 6.01 15.09
C HIS A 261 4.14 4.94 15.96
N THR A 262 3.78 5.32 17.17
CA THR A 262 3.12 4.40 18.08
C THR A 262 1.78 3.97 17.50
N ALA A 263 1.02 4.93 17.01
CA ALA A 263 -0.29 4.63 16.42
C ALA A 263 -0.16 3.74 15.19
N LEU A 264 0.99 3.78 14.53
CA LEU A 264 1.24 2.99 13.33
C LEU A 264 1.88 1.61 13.56
N THR A 265 2.07 1.26 14.83
CA THR A 265 2.71 0.00 15.21
C THR A 265 2.51 -1.22 14.29
N GLY A 266 1.26 -1.61 14.04
CA GLY A 266 1.04 -2.77 13.20
C GLY A 266 0.95 -2.53 11.70
N ALA A 267 0.76 -1.28 11.32
CA ALA A 267 0.60 -0.88 9.92
C ALA A 267 1.68 -1.42 8.97
N THR A 268 1.23 -1.80 7.77
CA THR A 268 2.13 -2.31 6.73
C THR A 268 2.96 -1.14 6.20
N GLU A 269 4.27 -1.30 6.19
CA GLU A 269 5.17 -0.26 5.72
C GLU A 269 5.44 -0.42 4.22
N ILE A 270 5.42 0.68 3.49
CA ILE A 270 5.66 0.64 2.05
C ILE A 270 6.96 1.40 1.75
N GLN A 271 7.77 0.85 0.87
CA GLN A 271 9.03 1.48 0.51
C GLN A 271 8.81 2.48 -0.61
N MET A 272 9.44 3.65 -0.49
CA MET A 272 9.30 4.68 -1.51
C MET A 272 10.55 4.94 -2.34
N SER A 273 10.35 5.45 -3.55
CA SER A 273 11.42 5.80 -4.46
C SER A 273 11.19 7.23 -4.93
N SER A 274 11.40 8.16 -4.01
CA SER A 274 11.24 9.60 -4.22
C SER A 274 9.95 10.00 -4.96
N GLY A 275 8.84 10.03 -4.23
CA GLY A 275 7.57 10.41 -4.83
C GLY A 275 6.76 9.27 -5.42
N ASN A 276 7.35 8.08 -5.53
CA ASN A 276 6.65 6.93 -6.08
C ASN A 276 6.87 5.69 -5.23
N LEU A 277 5.84 4.87 -5.09
CA LEU A 277 5.90 3.67 -4.26
C LEU A 277 5.90 2.35 -5.03
N LEU A 278 6.61 1.37 -4.47
CA LEU A 278 6.72 0.05 -5.09
C LEU A 278 5.82 -0.96 -4.41
N PHE A 279 5.09 -1.72 -5.22
CA PHE A 279 4.20 -2.73 -4.68
C PHE A 279 4.55 -4.08 -5.25
N THR A 280 4.02 -5.11 -4.61
CA THR A 280 4.20 -6.48 -5.05
C THR A 280 2.97 -6.69 -5.91
N GLY A 281 3.15 -6.60 -7.22
CA GLY A 281 2.01 -6.76 -8.12
C GLY A 281 1.83 -8.17 -8.59
N HIS A 282 0.69 -8.43 -9.20
CA HIS A 282 0.40 -9.75 -9.72
C HIS A 282 -0.56 -9.52 -10.88
N LEU A 283 -0.24 -10.08 -12.05
CA LEU A 283 -1.08 -9.89 -13.22
C LEU A 283 -1.58 -11.18 -13.83
N LYS A 284 -2.68 -11.07 -14.56
CA LYS A 284 -3.26 -12.19 -15.27
C LYS A 284 -3.21 -11.64 -16.69
N CYS A 285 -2.65 -12.40 -17.63
CA CYS A 285 -2.55 -11.92 -18.99
C CYS A 285 -3.05 -12.92 -20.02
N ARG A 286 -3.62 -12.38 -21.08
CA ARG A 286 -4.12 -13.17 -22.21
C ARG A 286 -3.25 -12.73 -23.39
N LEU A 287 -2.71 -13.69 -24.12
CA LEU A 287 -1.90 -13.38 -25.29
C LEU A 287 -2.68 -13.85 -26.51
N ARG A 288 -2.72 -13.00 -27.53
CA ARG A 288 -3.40 -13.37 -28.76
C ARG A 288 -2.39 -13.29 -29.89
N MET A 289 -2.25 -14.39 -30.64
CA MET A 289 -1.29 -14.44 -31.74
C MET A 289 -1.84 -15.24 -32.90
N ASP A 290 -1.10 -15.24 -34.01
CA ASP A 290 -1.51 -15.98 -35.19
C ASP A 290 -1.64 -17.45 -34.83
N LYS A 291 -2.49 -18.15 -35.56
CA LYS A 291 -2.71 -19.58 -35.39
C LYS A 291 -1.34 -20.25 -35.32
N LEU A 292 -1.02 -20.81 -34.16
CA LEU A 292 0.27 -21.46 -33.96
C LEU A 292 0.17 -22.55 -32.92
N GLN A 293 0.79 -23.69 -33.19
CA GLN A 293 0.78 -24.80 -32.25
C GLN A 293 1.85 -24.52 -31.21
N LEU A 294 1.44 -24.33 -29.96
CA LEU A 294 2.38 -24.02 -28.90
C LEU A 294 2.83 -25.24 -28.11
N LYS A 295 3.92 -25.06 -27.36
CA LYS A 295 4.49 -26.11 -26.53
C LYS A 295 3.93 -26.04 -25.11
N GLY A 296 3.24 -27.10 -24.70
CA GLY A 296 2.69 -27.17 -23.36
C GLY A 296 3.64 -28.00 -22.52
N MET A 297 3.68 -27.73 -21.21
CA MET A 297 4.59 -28.44 -20.32
C MET A 297 3.87 -29.08 -19.14
N SER A 298 4.27 -30.31 -18.79
CA SER A 298 3.67 -31.01 -17.67
C SER A 298 4.80 -31.43 -16.73
N TYR A 299 4.72 -31.00 -15.48
CA TYR A 299 5.76 -31.33 -14.50
C TYR A 299 5.37 -32.43 -13.53
N SER A 300 6.33 -33.27 -13.18
CA SER A 300 6.08 -34.34 -12.22
C SER A 300 6.21 -33.76 -10.83
N MET A 301 5.55 -34.40 -9.86
CA MET A 301 5.59 -33.94 -8.47
C MET A 301 6.95 -34.22 -7.87
N CYS A 302 7.47 -33.25 -7.13
CA CYS A 302 8.76 -33.41 -6.49
C CYS A 302 8.62 -34.49 -5.41
N THR A 303 9.63 -35.34 -5.27
CA THR A 303 9.56 -36.38 -4.27
C THR A 303 10.54 -36.13 -3.12
N GLY A 304 11.41 -35.14 -3.29
CA GLY A 304 12.40 -34.83 -2.28
C GLY A 304 11.95 -33.93 -1.13
N LYS A 305 12.91 -33.55 -0.29
CA LYS A 305 12.60 -32.70 0.85
C LYS A 305 12.85 -31.23 0.55
N PHE A 306 12.09 -30.36 1.21
CA PHE A 306 12.25 -28.93 1.02
C PHE A 306 12.82 -28.35 2.29
N LYS A 307 13.47 -27.21 2.15
CA LYS A 307 14.03 -26.50 3.27
C LYS A 307 13.40 -25.12 3.30
N VAL A 308 13.02 -24.65 4.48
CA VAL A 308 12.42 -23.34 4.60
C VAL A 308 13.51 -22.26 4.54
N VAL A 309 13.38 -21.35 3.59
CA VAL A 309 14.32 -20.25 3.42
C VAL A 309 13.81 -19.12 4.31
N LYS A 310 12.55 -18.76 4.12
CA LYS A 310 11.94 -17.71 4.91
C LYS A 310 10.58 -18.21 5.39
N GLU A 311 10.35 -18.11 6.69
CA GLU A 311 9.11 -18.55 7.32
C GLU A 311 7.90 -17.82 6.75
N ILE A 312 6.71 -18.35 7.02
CA ILE A 312 5.48 -17.73 6.54
C ILE A 312 5.47 -16.25 6.87
N ALA A 313 5.27 -15.42 5.85
CA ALA A 313 5.22 -13.97 6.08
C ALA A 313 4.02 -13.38 5.33
N GLU A 314 3.41 -12.37 5.92
CA GLU A 314 2.26 -11.72 5.30
C GLU A 314 2.73 -10.79 4.20
N THR A 315 1.93 -10.69 3.15
CA THR A 315 2.24 -9.80 2.03
C THR A 315 1.61 -8.46 2.36
N GLN A 316 1.78 -7.49 1.47
CA GLN A 316 1.19 -6.16 1.63
C GLN A 316 -0.31 -6.23 1.36
N HIS A 317 -0.75 -7.29 0.68
CA HIS A 317 -2.16 -7.41 0.30
C HIS A 317 -3.00 -8.57 0.85
N GLY A 318 -2.87 -8.82 2.15
CA GLY A 318 -3.68 -9.85 2.76
C GLY A 318 -3.47 -11.31 2.41
N THR A 319 -2.30 -11.65 1.88
CA THR A 319 -1.97 -13.04 1.57
C THR A 319 -0.69 -13.36 2.33
N ILE A 320 -0.15 -14.55 2.13
CA ILE A 320 1.09 -14.93 2.79
C ILE A 320 2.01 -15.55 1.76
N VAL A 321 3.30 -15.54 2.07
CA VAL A 321 4.30 -16.13 1.19
C VAL A 321 5.22 -16.96 2.05
N ILE A 322 5.57 -18.13 1.54
CA ILE A 322 6.50 -19.01 2.23
C ILE A 322 7.59 -19.25 1.19
N ARG A 323 8.82 -18.90 1.52
CA ARG A 323 9.93 -19.06 0.60
C ARG A 323 10.64 -20.36 0.93
N VAL A 324 10.68 -21.28 -0.03
CA VAL A 324 11.32 -22.57 0.18
C VAL A 324 12.41 -22.84 -0.82
N GLN A 325 13.17 -23.90 -0.54
CA GLN A 325 14.27 -24.34 -1.38
C GLN A 325 14.18 -25.87 -1.49
N TYR A 326 14.30 -26.40 -2.71
CA TYR A 326 14.23 -27.84 -2.91
C TYR A 326 15.63 -28.43 -2.87
N GLU A 327 15.82 -29.48 -2.07
CA GLU A 327 17.14 -30.09 -1.96
C GLU A 327 17.13 -31.53 -2.46
N GLY A 328 15.98 -31.96 -2.98
CA GLY A 328 15.86 -33.32 -3.48
C GLY A 328 16.27 -33.43 -4.93
N ASP A 329 15.80 -34.48 -5.60
CA ASP A 329 16.14 -34.70 -7.01
C ASP A 329 14.92 -34.67 -7.93
N GLY A 330 15.17 -34.51 -9.22
CA GLY A 330 14.10 -34.50 -10.18
C GLY A 330 13.60 -33.14 -10.67
N SER A 331 14.22 -32.05 -10.25
CA SER A 331 13.81 -30.74 -10.70
C SER A 331 14.10 -30.59 -12.21
N PRO A 332 13.23 -29.88 -12.97
CA PRO A 332 12.01 -29.17 -12.58
C PRO A 332 10.96 -30.18 -12.19
N CYS A 333 10.31 -29.87 -11.08
CA CYS A 333 9.23 -30.69 -10.58
C CYS A 333 8.22 -29.82 -9.82
N LYS A 334 7.00 -30.30 -9.71
CA LYS A 334 5.94 -29.57 -9.03
C LYS A 334 6.02 -29.76 -7.51
N ILE A 335 5.85 -28.67 -6.78
CA ILE A 335 5.90 -28.68 -5.32
C ILE A 335 4.61 -29.18 -4.69
N PRO A 336 4.66 -30.32 -3.98
CA PRO A 336 3.42 -30.82 -3.35
C PRO A 336 2.99 -29.76 -2.35
N PHE A 337 1.74 -29.31 -2.44
CA PHE A 337 1.28 -28.27 -1.53
C PHE A 337 -0.16 -28.48 -1.10
N GLU A 338 -0.44 -28.16 0.15
CA GLU A 338 -1.79 -28.28 0.66
C GLU A 338 -2.00 -27.46 1.91
N ILE A 339 -3.24 -27.02 2.09
CA ILE A 339 -3.65 -26.25 3.24
C ILE A 339 -4.74 -27.07 3.91
N MET A 340 -4.66 -27.25 5.22
CA MET A 340 -5.71 -27.99 5.91
C MET A 340 -6.12 -27.30 7.20
N ASP A 341 -7.35 -27.54 7.62
CA ASP A 341 -7.89 -26.93 8.83
C ASP A 341 -7.42 -27.60 10.11
N LEU A 342 -7.89 -27.06 11.23
CA LEU A 342 -7.52 -27.55 12.56
C LEU A 342 -7.45 -29.07 12.66
N GLU A 343 -8.28 -29.76 11.88
CA GLU A 343 -8.27 -31.22 11.89
C GLU A 343 -7.26 -31.74 10.89
N LYS A 344 -7.75 -32.14 9.72
CA LYS A 344 -6.90 -32.64 8.65
C LYS A 344 -7.64 -32.56 7.33
N ARG A 345 -8.75 -31.82 7.34
CA ARG A 345 -9.55 -31.64 6.12
C ARG A 345 -8.80 -30.70 5.18
N HIS A 346 -8.43 -31.20 4.01
CA HIS A 346 -7.73 -30.38 3.03
C HIS A 346 -8.63 -29.28 2.48
N VAL A 347 -8.03 -28.17 2.10
CA VAL A 347 -8.79 -27.04 1.54
C VAL A 347 -8.39 -26.80 0.10
N LEU A 348 -9.31 -27.01 -0.83
CA LEU A 348 -9.02 -26.77 -2.24
C LEU A 348 -9.17 -25.26 -2.47
N GLY A 349 -8.27 -24.69 -3.27
CA GLY A 349 -8.31 -23.25 -3.49
C GLY A 349 -7.38 -22.68 -2.43
N ARG A 350 -7.31 -21.36 -2.33
CA ARG A 350 -6.46 -20.71 -1.34
C ARG A 350 -4.99 -20.67 -1.77
N LEU A 351 -4.67 -21.34 -2.87
CA LEU A 351 -3.29 -21.35 -3.36
C LEU A 351 -3.15 -20.31 -4.46
N ILE A 352 -2.45 -19.21 -4.18
CA ILE A 352 -2.24 -18.14 -5.16
C ILE A 352 -1.26 -18.58 -6.24
N THR A 353 -0.15 -19.20 -5.84
CA THR A 353 0.85 -19.65 -6.78
C THR A 353 0.45 -21.03 -7.29
N VAL A 354 -0.45 -21.04 -8.26
CA VAL A 354 -0.94 -22.29 -8.82
C VAL A 354 0.16 -22.94 -9.66
N ASN A 355 0.22 -24.26 -9.62
CA ASN A 355 1.25 -24.99 -10.34
C ASN A 355 2.60 -24.48 -9.86
N PRO A 356 2.87 -24.59 -8.55
CA PRO A 356 4.12 -24.15 -7.93
C PRO A 356 5.24 -25.10 -8.32
N ILE A 357 6.15 -24.66 -9.18
CA ILE A 357 7.22 -25.56 -9.56
C ILE A 357 8.60 -24.99 -9.24
N VAL A 358 9.52 -25.86 -8.85
CA VAL A 358 10.88 -25.46 -8.58
C VAL A 358 11.60 -25.85 -9.86
N THR A 359 12.23 -24.87 -10.50
CA THR A 359 12.91 -25.12 -11.77
C THR A 359 14.31 -25.69 -11.57
N GLU A 360 14.80 -25.63 -10.34
CA GLU A 360 16.13 -26.12 -10.06
C GLU A 360 16.34 -26.35 -8.57
N LYS A 361 17.36 -27.13 -8.24
CA LYS A 361 17.69 -27.42 -6.86
C LYS A 361 18.40 -26.22 -6.23
N ASP A 362 18.42 -26.18 -4.90
CA ASP A 362 19.10 -25.12 -4.15
C ASP A 362 18.81 -23.69 -4.61
N SER A 363 17.60 -23.42 -5.08
CA SER A 363 17.24 -22.08 -5.52
C SER A 363 15.87 -21.66 -4.97
N PRO A 364 15.86 -20.68 -4.05
CA PRO A 364 14.65 -20.17 -3.41
C PRO A 364 13.48 -19.95 -4.36
N VAL A 365 12.29 -20.30 -3.89
CA VAL A 365 11.08 -20.11 -4.66
C VAL A 365 10.01 -19.61 -3.70
N ASN A 366 9.25 -18.60 -4.14
CA ASN A 366 8.16 -18.03 -3.34
C ASN A 366 6.85 -18.76 -3.64
N ILE A 367 6.14 -19.17 -2.60
CA ILE A 367 4.83 -19.80 -2.78
C ILE A 367 3.85 -18.89 -2.07
N GLU A 368 2.89 -18.35 -2.82
CA GLU A 368 1.93 -17.45 -2.20
C GLU A 368 0.62 -18.17 -1.97
N ALA A 369 -0.05 -17.84 -0.85
CA ALA A 369 -1.33 -18.46 -0.51
C ALA A 369 -2.19 -17.53 0.37
N GLU A 370 -3.47 -17.87 0.47
CA GLU A 370 -4.41 -17.07 1.25
C GLU A 370 -5.14 -18.01 2.22
N PRO A 371 -4.54 -18.27 3.39
CA PRO A 371 -5.14 -19.17 4.39
C PRO A 371 -6.53 -18.75 4.88
N PRO A 372 -7.29 -19.72 5.41
CA PRO A 372 -8.63 -19.44 5.93
C PRO A 372 -8.42 -18.74 7.27
N PHE A 373 -9.45 -18.06 7.76
CA PHE A 373 -9.36 -17.41 9.06
C PHE A 373 -9.21 -18.51 10.11
N GLY A 374 -8.63 -18.17 11.25
CA GLY A 374 -8.44 -19.16 12.29
C GLY A 374 -7.12 -19.90 12.16
N ASP A 375 -7.04 -21.11 12.73
CA ASP A 375 -5.82 -21.92 12.66
C ASP A 375 -5.83 -22.83 11.45
N SER A 376 -4.72 -22.87 10.73
CA SER A 376 -4.61 -23.75 9.57
C SER A 376 -3.20 -24.27 9.48
N TYR A 377 -2.99 -25.26 8.61
CA TYR A 377 -1.66 -25.82 8.43
C TYR A 377 -1.27 -25.77 6.96
N ILE A 378 -0.03 -25.36 6.72
CA ILE A 378 0.50 -25.31 5.36
C ILE A 378 1.38 -26.55 5.24
N ILE A 379 1.04 -27.44 4.31
CA ILE A 379 1.80 -28.67 4.11
C ILE A 379 2.57 -28.62 2.79
N ILE A 380 3.90 -28.70 2.88
CA ILE A 380 4.77 -28.64 1.70
C ILE A 380 5.64 -29.89 1.57
N GLY A 381 5.65 -30.48 0.36
CA GLY A 381 6.45 -31.67 0.14
C GLY A 381 5.72 -32.95 0.54
N VAL A 382 6.29 -34.10 0.16
CA VAL A 382 5.72 -35.39 0.50
C VAL A 382 6.38 -35.89 1.78
N GLU A 383 5.62 -36.65 2.58
CA GLU A 383 6.06 -37.14 3.89
C GLU A 383 7.54 -37.33 4.18
N PRO A 384 8.30 -37.92 3.25
CA PRO A 384 9.72 -38.06 3.61
C PRO A 384 10.33 -36.66 3.84
N GLY A 385 10.20 -36.12 5.06
CA GLY A 385 10.75 -34.81 5.37
C GLY A 385 9.79 -33.65 5.10
N GLN A 386 8.51 -33.97 5.01
CA GLN A 386 7.44 -33.00 4.76
C GLN A 386 7.38 -31.86 5.76
N LEU A 387 7.19 -30.64 5.27
CA LEU A 387 7.11 -29.48 6.14
C LEU A 387 5.66 -29.28 6.55
N LYS A 388 5.44 -29.06 7.84
CA LYS A 388 4.10 -28.84 8.37
C LYS A 388 4.17 -27.52 9.15
N LEU A 389 3.68 -26.46 8.52
CA LEU A 389 3.74 -25.12 9.12
C LEU A 389 2.41 -24.64 9.69
N ASN A 390 2.43 -24.19 10.94
CA ASN A 390 1.22 -23.68 11.60
C ASN A 390 0.99 -22.24 11.17
N TRP A 391 -0.27 -21.80 11.25
CA TRP A 391 -0.56 -20.41 10.94
C TRP A 391 -1.90 -20.03 11.52
N PHE A 392 -1.96 -18.81 12.03
CA PHE A 392 -3.19 -18.29 12.62
C PHE A 392 -3.51 -16.99 11.88
N LYS A 393 -4.77 -16.82 11.51
CA LYS A 393 -5.16 -15.63 10.78
C LYS A 393 -6.30 -14.82 11.39
N LYS A 394 -6.11 -13.50 11.42
CA LYS A 394 -7.10 -12.54 11.91
C LYS A 394 -7.42 -12.68 13.40
#